data_5CBZ
#
_entry.id   5CBZ
#
_cell.length_a   47.532
_cell.length_b   81.150
_cell.length_c   116.416
_cell.angle_alpha   90.00
_cell.angle_beta   96.80
_cell.angle_gamma   90.00
#
_symmetry.space_group_name_H-M   'P 1 21 1'
#
loop_
_entity.id
_entity.type
_entity.pdbx_description
1 polymer 'AncMR DNA Binding Domain'
2 polymer "DNA (5'-D(*CP*CP*AP*GP*AP*AP*CP*AP*CP*TP*CP*TP*GP*TP*TP*CP*TP*G)-3')"
3 polymer "DNA (5'-D(*TP*CP*AP*GP*AP*AP*CP*AP*GP*AP*GP*TP*GP*TP*TP*CP*TP*G)-3')"
4 non-polymer 'ZINC ION'
5 water water
#
loop_
_entity_poly.entity_id
_entity_poly.type
_entity_poly.pdbx_seq_one_letter_code
_entity_poly.pdbx_strand_id
1 'polypeptide(L)'
;MHHHHHHSSGVDLGTENLYFQSNASPPSKVCLVCGDEASGCHYGVLTCGSCKVFFKRAVEGQHNYLCAGRNDCIIDKIRR
KNCPACRLRKCLQAGMNLGARKSKK
;
A,B,E,F
2 'polydeoxyribonucleotide' (DC)(DC)(DA)(DG)(DA)(DA)(DC)(DA)(DG)(DA)(DG)(DT)(DG)(DT)(DT)(DC)(DT)(DG) C,G
3 'polydeoxyribonucleotide' (DT)(DC)(DA)(DG)(DA)(DA)(DC)(DA)(DC)(DT)(DC)(DT)(DG)(DT)(DT)(DC)(DT)(DG) D,H
#
loop_
_chem_comp.id
_chem_comp.type
_chem_comp.name
_chem_comp.formula
DA DNA linking 2'-DEOXYADENOSINE-5'-MONOPHOSPHATE 'C10 H14 N5 O6 P'
DC DNA linking 2'-DEOXYCYTIDINE-5'-MONOPHOSPHATE 'C9 H14 N3 O7 P'
DG DNA linking 2'-DEOXYGUANOSINE-5'-MONOPHOSPHATE 'C10 H14 N5 O7 P'
DT DNA linking THYMIDINE-5'-MONOPHOSPHATE 'C10 H15 N2 O8 P'
ZN non-polymer 'ZINC ION' 'Zn 2'
#
# COMPACT_ATOMS: atom_id res chain seq x y z
N SER A 28 35.30 -5.08 7.50
CA SER A 28 34.19 -5.24 8.43
C SER A 28 33.00 -5.97 7.78
N LYS A 29 31.88 -5.98 8.50
CA LYS A 29 30.73 -6.86 8.21
C LYS A 29 29.57 -6.12 7.53
N VAL A 30 28.79 -6.87 6.77
CA VAL A 30 27.76 -6.29 5.92
C VAL A 30 26.30 -6.51 6.41
N CYS A 31 25.50 -5.44 6.37
CA CYS A 31 24.07 -5.50 6.77
C CYS A 31 23.32 -6.53 5.93
N LEU A 32 22.66 -7.47 6.60
CA LEU A 32 21.94 -8.52 5.88
C LEU A 32 20.67 -8.01 5.21
N VAL A 33 20.30 -6.76 5.47
CA VAL A 33 19.12 -6.21 4.86
C VAL A 33 19.47 -5.38 3.63
N CYS A 34 20.18 -4.28 3.82
CA CYS A 34 20.56 -3.42 2.70
C CYS A 34 22.01 -3.54 2.19
N GLY A 35 22.85 -4.36 2.83
CA GLY A 35 24.24 -4.48 2.38
C GLY A 35 25.23 -3.40 2.83
N ASP A 36 24.75 -2.37 3.52
CA ASP A 36 25.59 -1.28 4.01
C ASP A 36 26.53 -1.81 5.12
N GLU A 37 27.34 -0.92 5.69
CA GLU A 37 28.27 -1.34 6.72
C GLU A 37 27.52 -1.60 8.02
N ALA A 38 27.62 -2.83 8.51
CA ALA A 38 26.87 -3.25 9.68
C ALA A 38 27.48 -2.77 10.99
N SER A 39 26.65 -2.11 11.81
CA SER A 39 27.10 -1.53 13.07
C SER A 39 26.94 -2.48 14.25
N GLY A 40 26.48 -3.70 13.98
CA GLY A 40 26.36 -4.69 15.04
C GLY A 40 25.20 -5.64 14.85
N CYS A 41 24.82 -6.33 15.93
CA CYS A 41 23.71 -7.26 15.88
C CYS A 41 22.49 -6.60 16.51
N HIS A 42 21.51 -6.24 15.70
CA HIS A 42 20.37 -5.46 16.18
C HIS A 42 19.08 -6.22 15.99
N TYR A 43 18.31 -6.34 17.07
CA TYR A 43 17.01 -7.02 17.03
C TYR A 43 17.19 -8.41 16.44
N GLY A 44 18.32 -9.03 16.75
CA GLY A 44 18.59 -10.40 16.34
C GLY A 44 19.36 -10.62 15.03
N VAL A 45 19.63 -9.56 14.27
CA VAL A 45 20.22 -9.75 12.95
C VAL A 45 21.37 -8.78 12.70
N LEU A 46 22.42 -9.25 12.02
CA LEU A 46 23.53 -8.37 11.67
C LEU A 46 23.01 -7.28 10.75
N THR A 47 23.18 -6.03 11.17
CA THR A 47 22.36 -4.99 10.60
C THR A 47 23.04 -3.63 10.70
N CYS A 48 22.81 -2.76 9.73
CA CYS A 48 23.29 -1.38 9.83
C CYS A 48 22.42 -0.56 10.80
N GLY A 49 22.81 0.67 11.05
CA GLY A 49 22.09 1.50 11.99
C GLY A 49 20.78 2.01 11.43
N SER A 50 20.76 2.33 10.14
CA SER A 50 19.53 2.83 9.52
C SER A 50 18.46 1.75 9.53
N CYS A 51 18.84 0.52 9.21
CA CYS A 51 17.87 -0.57 9.16
C CYS A 51 17.35 -0.96 10.54
N LYS A 52 18.20 -0.81 11.55
CA LYS A 52 17.78 -1.02 12.94
C LYS A 52 16.60 -0.11 13.31
N VAL A 53 16.77 1.19 13.13
CA VAL A 53 15.72 2.11 13.53
C VAL A 53 14.54 2.09 12.55
N PHE A 54 14.79 1.82 11.27
CA PHE A 54 13.68 1.66 10.33
C PHE A 54 12.76 0.55 10.82
N PHE A 55 13.35 -0.56 11.25
CA PHE A 55 12.53 -1.68 11.64
C PHE A 55 11.68 -1.38 12.90
N LYS A 56 12.26 -0.75 13.91
CA LYS A 56 11.52 -0.47 15.13
C LYS A 56 10.39 0.49 14.83
N ARG A 57 10.68 1.52 14.03
CA ARG A 57 9.65 2.45 13.60
C ARG A 57 8.56 1.75 12.77
N ALA A 58 8.94 0.83 11.91
CA ALA A 58 7.97 0.19 11.02
C ALA A 58 7.03 -0.73 11.77
N VAL A 59 7.57 -1.50 12.70
CA VAL A 59 6.76 -2.47 13.42
C VAL A 59 5.88 -1.80 14.47
N GLU A 60 6.38 -0.73 15.09
CA GLU A 60 5.65 -0.05 16.15
C GLU A 60 4.67 1.03 15.71
N GLY A 61 5.01 1.79 14.68
CA GLY A 61 4.18 2.90 14.29
C GLY A 61 3.11 2.53 13.29
N GLN A 62 2.69 3.52 12.52
CA GLN A 62 1.66 3.33 11.50
C GLN A 62 2.16 4.05 10.26
N HIS A 63 2.11 3.37 9.12
CA HIS A 63 2.53 3.99 7.88
C HIS A 63 1.57 3.56 6.81
N ASN A 64 1.66 4.17 5.65
CA ASN A 64 1.08 3.50 4.53
C ASN A 64 2.15 3.24 3.48
N TYR A 65 2.81 2.11 3.62
CA TYR A 65 3.82 1.66 2.71
C TYR A 65 3.08 0.89 1.63
N LEU A 66 3.40 1.14 0.38
CA LEU A 66 2.84 0.35 -0.72
C LEU A 66 3.89 0.12 -1.81
N CYS A 67 4.13 -1.13 -2.18
CA CYS A 67 5.12 -1.40 -3.21
C CYS A 67 4.64 -0.88 -4.58
N ALA A 68 5.53 -0.19 -5.29
CA ALA A 68 5.22 0.31 -6.63
C ALA A 68 5.58 -0.72 -7.71
N GLY A 69 6.31 -1.75 -7.28
CA GLY A 69 6.80 -2.81 -8.13
C GLY A 69 6.01 -4.10 -8.04
N ARG A 70 6.74 -5.21 -8.12
CA ARG A 70 6.19 -6.57 -8.06
C ARG A 70 6.42 -7.26 -6.69
N ASN A 71 6.74 -6.46 -5.68
CA ASN A 71 7.07 -6.89 -4.31
C ASN A 71 8.40 -7.66 -4.16
N ASP A 72 9.27 -7.52 -5.15
CA ASP A 72 10.66 -8.00 -5.12
C ASP A 72 11.75 -6.92 -5.12
N CYS A 73 11.42 -5.69 -4.79
CA CYS A 73 12.36 -4.58 -4.98
C CYS A 73 13.74 -4.83 -4.36
N ILE A 74 14.77 -4.36 -5.06
CA ILE A 74 16.14 -4.49 -4.59
C ILE A 74 16.38 -3.56 -3.41
N ILE A 75 16.78 -4.11 -2.27
CA ILE A 75 17.07 -3.26 -1.14
C ILE A 75 18.58 -3.16 -0.92
N ASP A 76 19.14 -1.99 -1.25
CA ASP A 76 20.53 -1.70 -0.96
C ASP A 76 20.64 -0.26 -0.55
N LYS A 77 21.87 0.20 -0.28
CA LYS A 77 22.07 1.51 0.31
C LYS A 77 21.54 2.60 -0.61
N ILE A 78 21.74 2.42 -1.90
CA ILE A 78 21.32 3.41 -2.87
C ILE A 78 19.80 3.52 -2.90
N ARG A 79 19.17 2.35 -2.87
CA ARG A 79 17.73 2.23 -3.04
C ARG A 79 16.83 1.90 -1.83
N ARG A 80 17.37 1.73 -0.64
CA ARG A 80 16.57 1.23 0.49
C ARG A 80 15.44 2.18 0.87
N LYS A 81 15.58 3.47 0.58
CA LYS A 81 14.49 4.42 0.76
C LYS A 81 13.34 4.26 -0.24
N ASN A 82 13.61 3.67 -1.41
CA ASN A 82 12.61 3.51 -2.47
C ASN A 82 11.35 2.77 -2.02
N CYS A 83 11.55 1.64 -1.36
CA CYS A 83 10.43 0.78 -1.10
C CYS A 83 10.41 0.26 0.32
N PRO A 84 9.98 1.11 1.25
CA PRO A 84 9.90 0.74 2.67
C PRO A 84 9.15 -0.57 2.88
N ALA A 85 8.15 -0.86 2.05
CA ALA A 85 7.39 -2.10 2.22
C ALA A 85 8.26 -3.32 1.92
N CYS A 86 9.08 -3.24 0.87
CA CYS A 86 9.94 -4.38 0.54
C CYS A 86 11.04 -4.44 1.59
N ARG A 87 11.49 -3.27 2.04
CA ARG A 87 12.49 -3.23 3.10
C ARG A 87 11.96 -3.90 4.36
N LEU A 88 10.75 -3.55 4.78
CA LEU A 88 10.16 -4.16 5.96
C LEU A 88 10.05 -5.68 5.78
N ARG A 89 9.56 -6.14 4.62
CA ARG A 89 9.44 -7.59 4.36
C ARG A 89 10.81 -8.26 4.47
N LYS A 90 11.84 -7.58 3.95
CA LYS A 90 13.18 -8.12 4.01
C LYS A 90 13.71 -8.18 5.45
N CYS A 91 13.51 -7.12 6.24
CA CYS A 91 13.86 -7.17 7.68
C CYS A 91 13.23 -8.38 8.37
N LEU A 92 11.96 -8.65 8.05
CA LEU A 92 11.24 -9.70 8.76
C LEU A 92 11.67 -11.09 8.30
N GLN A 93 11.91 -11.23 7.00
CA GLN A 93 12.42 -12.48 6.43
C GLN A 93 13.81 -12.78 6.98
N ALA A 94 14.55 -11.76 7.36
CA ALA A 94 15.88 -11.97 7.94
C ALA A 94 15.80 -12.39 9.40
N GLY A 95 14.62 -12.29 9.99
CA GLY A 95 14.42 -12.71 11.37
C GLY A 95 14.51 -11.61 12.42
N MET A 96 14.45 -10.34 12.01
CA MET A 96 14.44 -9.27 13.00
C MET A 96 13.21 -9.36 13.90
N ASN A 97 13.41 -9.16 15.20
CA ASN A 97 12.29 -9.06 16.13
C ASN A 97 12.64 -8.19 17.34
N LEU A 98 11.66 -7.44 17.81
CA LEU A 98 11.87 -6.50 18.91
C LEU A 98 12.08 -7.21 20.24
N GLY A 99 11.78 -8.51 20.30
CA GLY A 99 12.05 -9.28 21.49
C GLY A 99 13.51 -9.67 21.75
N ALA A 100 14.17 -10.19 20.71
CA ALA A 100 15.48 -10.87 20.82
C ALA A 100 16.46 -10.25 21.83
N SER B 28 -12.75 17.63 -14.32
CA SER B 28 -11.60 17.99 -13.49
C SER B 28 -10.30 17.35 -14.00
N LYS B 29 -9.26 18.16 -14.19
CA LYS B 29 -8.06 17.77 -14.95
C LYS B 29 -7.06 16.91 -14.18
N VAL B 30 -6.51 15.90 -14.85
CA VAL B 30 -5.60 14.96 -14.19
C VAL B 30 -4.15 14.98 -14.73
N CYS B 31 -3.19 14.91 -13.80
CA CYS B 31 -1.75 14.87 -14.11
C CYS B 31 -1.41 13.66 -14.96
N LEU B 32 -0.71 13.90 -16.06
CA LEU B 32 -0.31 12.85 -16.99
C LEU B 32 0.80 11.98 -16.40
N VAL B 33 1.50 12.51 -15.41
CA VAL B 33 2.55 11.74 -14.77
C VAL B 33 2.06 10.83 -13.62
N CYS B 34 1.54 11.44 -12.55
CA CYS B 34 1.09 10.67 -11.39
C CYS B 34 -0.42 10.47 -11.17
N GLY B 35 -1.26 11.05 -12.03
CA GLY B 35 -2.71 10.90 -11.90
C GLY B 35 -3.43 11.78 -10.89
N ASP B 36 -2.68 12.57 -10.13
CA ASP B 36 -3.22 13.46 -9.12
C ASP B 36 -3.96 14.60 -9.85
N GLU B 37 -4.55 15.54 -9.12
CA GLU B 37 -5.29 16.60 -9.77
C GLU B 37 -4.32 17.64 -10.32
N ALA B 38 -4.49 17.99 -11.58
CA ALA B 38 -3.56 18.91 -12.25
C ALA B 38 -4.03 20.36 -12.20
N SER B 39 -3.10 21.26 -11.95
CA SER B 39 -3.38 22.70 -11.92
C SER B 39 -3.39 23.34 -13.31
N GLY B 40 -2.62 22.75 -14.22
CA GLY B 40 -2.53 23.25 -15.57
C GLY B 40 -1.32 22.67 -16.29
N CYS B 41 -0.89 23.36 -17.33
CA CYS B 41 0.18 22.87 -18.16
C CYS B 41 1.52 23.39 -17.67
N HIS B 42 2.44 22.50 -17.32
CA HIS B 42 3.75 22.92 -16.83
C HIS B 42 4.86 22.29 -17.65
N TYR B 43 5.79 23.13 -18.09
CA TYR B 43 6.93 22.68 -18.89
C TYR B 43 6.43 21.83 -20.05
N GLY B 44 5.28 22.21 -20.57
CA GLY B 44 4.74 21.64 -21.78
C GLY B 44 3.71 20.56 -21.57
N VAL B 45 3.48 20.17 -20.31
CA VAL B 45 2.63 19.00 -20.06
C VAL B 45 1.62 19.26 -18.94
N LEU B 46 0.41 18.73 -19.10
CA LEU B 46 -0.58 18.86 -18.03
C LEU B 46 -0.15 18.02 -16.81
N THR B 47 0.11 18.71 -15.70
CA THR B 47 0.71 18.09 -14.53
C THR B 47 0.26 18.76 -13.25
N CYS B 48 0.40 18.01 -12.16
CA CYS B 48 0.17 18.54 -10.82
C CYS B 48 1.35 19.40 -10.40
N GLY B 49 1.15 20.18 -9.34
CA GLY B 49 2.19 21.03 -8.83
C GLY B 49 3.41 20.27 -8.36
N SER B 50 3.22 19.13 -7.72
CA SER B 50 4.37 18.40 -7.20
C SER B 50 5.21 17.83 -8.34
N CYS B 51 4.57 17.35 -9.41
CA CYS B 51 5.32 16.83 -10.57
C CYS B 51 6.05 17.96 -11.30
N LYS B 52 5.43 19.14 -11.35
CA LYS B 52 6.06 20.32 -11.91
C LYS B 52 7.41 20.55 -11.26
N VAL B 53 7.42 20.66 -9.94
CA VAL B 53 8.62 21.09 -9.25
C VAL B 53 9.61 19.93 -9.16
N PHE B 54 9.10 18.71 -9.09
CA PHE B 54 9.99 17.55 -9.12
C PHE B 54 10.79 17.49 -10.42
N PHE B 55 10.14 17.82 -11.53
CA PHE B 55 10.82 17.76 -12.81
C PHE B 55 11.95 18.78 -12.91
N LYS B 56 11.66 20.02 -12.56
CA LYS B 56 12.70 21.07 -12.53
C LYS B 56 13.88 20.64 -11.67
N ARG B 57 13.58 20.15 -10.47
CA ARG B 57 14.64 19.77 -9.55
C ARG B 57 15.46 18.59 -10.06
N ALA B 58 14.84 17.66 -10.78
CA ALA B 58 15.53 16.43 -11.17
C ALA B 58 16.51 16.72 -12.29
N VAL B 59 16.06 17.53 -13.26
CA VAL B 59 16.88 17.88 -14.43
C VAL B 59 18.08 18.77 -14.09
N GLU B 60 17.89 19.68 -13.15
CA GLU B 60 18.96 20.62 -12.81
C GLU B 60 19.81 20.11 -11.67
N GLY B 61 19.36 19.04 -11.04
CA GLY B 61 20.04 18.56 -9.86
C GLY B 61 21.02 17.43 -10.06
N GLN B 62 21.57 16.99 -8.94
CA GLN B 62 22.41 15.79 -8.89
C GLN B 62 21.74 14.84 -7.90
N HIS B 63 21.29 13.69 -8.40
CA HIS B 63 20.69 12.71 -7.52
C HIS B 63 21.12 11.30 -7.86
N ASN B 64 21.06 10.43 -6.86
CA ASN B 64 21.10 9.02 -7.13
C ASN B 64 19.68 8.57 -7.31
N TYR B 65 19.32 8.31 -8.56
CA TYR B 65 18.00 7.77 -8.84
C TYR B 65 18.28 6.46 -9.54
N LEU B 66 17.87 5.35 -8.92
CA LEU B 66 17.97 4.05 -9.56
C LEU B 66 16.70 3.29 -9.27
N CYS B 67 16.07 2.74 -10.30
CA CYS B 67 14.86 1.95 -10.07
C CYS B 67 15.26 0.71 -9.29
N ALA B 68 14.50 0.36 -8.26
CA ALA B 68 14.74 -0.88 -7.52
C ALA B 68 13.94 -2.01 -8.13
N GLY B 69 13.15 -1.66 -9.13
CA GLY B 69 12.26 -2.56 -9.81
C GLY B 69 12.76 -2.98 -11.18
N ARG B 70 11.80 -3.08 -12.11
CA ARG B 70 12.00 -3.33 -13.54
C ARG B 70 11.88 -2.10 -14.48
N ASN B 71 11.99 -0.90 -13.93
CA ASN B 71 11.74 0.36 -14.66
C ASN B 71 10.32 0.49 -15.18
N ASP B 72 9.42 -0.29 -14.63
CA ASP B 72 7.99 -0.18 -14.89
C ASP B 72 7.10 0.30 -13.71
N CYS B 73 7.71 0.89 -12.69
CA CYS B 73 6.99 1.18 -11.43
C CYS B 73 5.69 1.97 -11.62
N ILE B 74 4.67 1.65 -10.82
CA ILE B 74 3.41 2.40 -10.79
C ILE B 74 3.66 3.77 -10.15
N ILE B 75 3.32 4.84 -10.85
CA ILE B 75 3.45 6.16 -10.30
C ILE B 75 2.05 6.75 -10.13
N ASP B 76 1.58 6.83 -8.87
CA ASP B 76 0.33 7.51 -8.53
C ASP B 76 0.60 8.32 -7.26
N LYS B 77 -0.42 9.00 -6.75
CA LYS B 77 -0.21 9.90 -5.62
C LYS B 77 0.38 9.18 -4.42
N ILE B 78 -0.10 7.99 -4.11
CA ILE B 78 0.41 7.30 -2.92
C ILE B 78 1.86 6.86 -3.07
N ARG B 79 2.23 6.42 -4.27
CA ARG B 79 3.55 5.86 -4.52
C ARG B 79 4.59 6.72 -5.28
N ARG B 80 4.26 7.95 -5.64
CA ARG B 80 5.14 8.68 -6.55
C ARG B 80 6.52 8.95 -5.93
N LYS B 81 6.57 8.98 -4.59
CA LYS B 81 7.85 9.16 -3.90
C LYS B 81 8.71 7.89 -3.93
N ASN B 82 8.10 6.74 -4.17
CA ASN B 82 8.82 5.47 -4.17
C ASN B 82 9.95 5.40 -5.20
N CYS B 83 9.69 5.84 -6.43
CA CYS B 83 10.67 5.66 -7.50
C CYS B 83 10.87 6.92 -8.32
N PRO B 84 11.71 7.82 -7.82
CA PRO B 84 12.00 9.05 -8.57
C PRO B 84 12.53 8.72 -9.98
N ALA B 85 13.22 7.60 -10.14
CA ALA B 85 13.70 7.21 -11.46
C ALA B 85 12.56 6.95 -12.43
N CYS B 86 11.56 6.17 -12.04
CA CYS B 86 10.42 5.97 -12.93
C CYS B 86 9.61 7.27 -13.09
N ARG B 87 9.54 8.09 -12.03
CA ARG B 87 8.78 9.33 -12.15
C ARG B 87 9.40 10.29 -13.20
N LEU B 88 10.72 10.47 -13.16
CA LEU B 88 11.40 11.32 -14.12
C LEU B 88 11.23 10.74 -15.53
N ARG B 89 11.34 9.42 -15.66
CA ARG B 89 11.15 8.76 -16.94
C ARG B 89 9.79 9.15 -17.50
N LYS B 90 8.75 9.02 -16.67
CA LYS B 90 7.40 9.42 -17.08
C LYS B 90 7.34 10.91 -17.47
N CYS B 91 7.97 11.79 -16.69
CA CYS B 91 8.02 13.20 -17.08
C CYS B 91 8.61 13.37 -18.48
N LEU B 92 9.71 12.67 -18.75
CA LEU B 92 10.41 12.83 -20.02
C LEU B 92 9.57 12.27 -21.16
N GLN B 93 9.00 11.09 -20.95
CA GLN B 93 8.25 10.39 -21.98
C GLN B 93 6.98 11.14 -22.28
N ALA B 94 6.51 11.92 -21.31
CA ALA B 94 5.32 12.75 -21.53
C ALA B 94 5.70 14.01 -22.31
N GLY B 95 6.99 14.30 -22.41
CA GLY B 95 7.43 15.43 -23.19
C GLY B 95 7.76 16.67 -22.39
N MET B 96 7.92 16.55 -21.09
CA MET B 96 8.27 17.75 -20.30
C MET B 96 9.63 18.26 -20.73
N ASN B 97 9.79 19.58 -20.73
CA ASN B 97 11.07 20.19 -21.04
C ASN B 97 11.15 21.63 -20.56
N LEU B 98 12.36 22.13 -20.39
CA LEU B 98 12.56 23.44 -19.80
C LEU B 98 12.55 24.55 -20.85
N GLY B 99 12.23 24.22 -22.10
CA GLY B 99 12.18 25.24 -23.15
C GLY B 99 13.34 25.13 -24.13
N ALA B 100 13.43 26.09 -25.06
CA ALA B 100 14.48 26.11 -26.08
C ALA B 100 15.87 26.06 -25.46
N ARG B 101 16.77 25.27 -26.06
CA ARG B 101 18.07 25.02 -25.46
C ARG B 101 18.91 26.32 -25.33
N PRO E 26 -11.97 -26.40 30.14
CA PRO E 26 -11.53 -25.93 28.82
C PRO E 26 -11.38 -24.40 28.77
N PRO E 27 -10.20 -23.89 29.21
CA PRO E 27 -9.85 -22.47 29.42
C PRO E 27 -9.91 -21.48 28.23
N SER E 28 -9.99 -21.93 26.97
CA SER E 28 -10.37 -21.04 25.85
C SER E 28 -9.47 -19.80 25.57
N LYS E 29 -8.36 -20.01 24.86
CA LYS E 29 -7.45 -18.92 24.46
C LYS E 29 -8.00 -17.95 23.37
N VAL E 30 -7.53 -16.70 23.41
CA VAL E 30 -8.03 -15.65 22.54
C VAL E 30 -6.94 -15.06 21.63
N CYS E 31 -7.20 -14.98 20.33
CA CYS E 31 -6.23 -14.40 19.38
C CYS E 31 -5.93 -12.95 19.69
N LEU E 32 -4.66 -12.63 19.89
CA LEU E 32 -4.28 -11.28 20.27
C LEU E 32 -4.41 -10.27 19.12
N VAL E 33 -4.59 -10.79 17.90
CA VAL E 33 -4.81 -9.94 16.73
C VAL E 33 -6.30 -9.65 16.49
N CYS E 34 -7.08 -10.70 16.23
CA CYS E 34 -8.49 -10.51 15.90
C CYS E 34 -9.53 -10.91 16.97
N GLY E 35 -9.09 -11.43 18.10
CA GLY E 35 -10.04 -11.84 19.12
C GLY E 35 -10.79 -13.16 18.91
N ASP E 36 -10.53 -13.85 17.79
CA ASP E 36 -11.12 -15.18 17.57
C ASP E 36 -10.46 -16.20 18.50
N GLU E 37 -10.91 -17.44 18.45
CA GLU E 37 -10.33 -18.42 19.36
C GLU E 37 -8.93 -18.82 18.88
N ALA E 38 -7.93 -18.65 19.74
CA ALA E 38 -6.54 -18.91 19.40
C ALA E 38 -6.24 -20.41 19.40
N SER E 39 -5.50 -20.86 18.40
CA SER E 39 -5.15 -22.28 18.31
C SER E 39 -3.83 -22.60 18.98
N GLY E 40 -3.03 -21.57 19.27
CA GLY E 40 -1.72 -21.77 19.84
C GLY E 40 -0.82 -20.57 19.66
N CYS E 41 0.48 -20.77 19.91
CA CYS E 41 1.43 -19.67 19.80
C CYS E 41 2.13 -19.70 18.44
N HIS E 42 1.82 -18.72 17.58
CA HIS E 42 2.34 -18.73 16.22
C HIS E 42 3.16 -17.50 15.93
N TYR E 43 4.38 -17.71 15.42
CA TYR E 43 5.29 -16.62 15.09
C TYR E 43 5.44 -15.71 16.31
N GLY E 44 5.41 -16.34 17.47
CA GLY E 44 5.76 -15.69 18.73
C GLY E 44 4.59 -15.15 19.53
N VAL E 45 3.38 -15.25 18.98
CA VAL E 45 2.22 -14.61 19.56
C VAL E 45 1.03 -15.55 19.59
N LEU E 46 0.25 -15.51 20.66
CA LEU E 46 -0.96 -16.31 20.73
C LEU E 46 -1.97 -15.77 19.69
N THR E 47 -2.38 -16.65 18.77
CA THR E 47 -3.21 -16.26 17.64
C THR E 47 -4.00 -17.42 17.11
N CYS E 48 -5.03 -17.09 16.35
CA CYS E 48 -5.83 -18.07 15.62
C CYS E 48 -5.10 -18.60 14.38
N GLY E 49 -5.61 -19.71 13.86
CA GLY E 49 -5.12 -20.28 12.63
C GLY E 49 -5.13 -19.31 11.46
N SER E 50 -6.24 -18.57 11.29
CA SER E 50 -6.35 -17.67 10.15
C SER E 50 -5.31 -16.56 10.25
N CYS E 51 -5.07 -16.03 11.45
CA CYS E 51 -4.09 -14.95 11.59
C CYS E 51 -2.64 -15.45 11.38
N LYS E 52 -2.42 -16.70 11.76
CA LYS E 52 -1.17 -17.43 11.53
C LYS E 52 -0.77 -17.43 10.06
N VAL E 53 -1.65 -17.95 9.22
CA VAL E 53 -1.32 -18.10 7.81
C VAL E 53 -1.39 -16.75 7.11
N PHE E 54 -2.26 -15.86 7.59
CA PHE E 54 -2.33 -14.51 7.02
C PHE E 54 -1.00 -13.80 7.21
N PHE E 55 -0.42 -13.91 8.41
CA PHE E 55 0.84 -13.21 8.69
C PHE E 55 1.94 -13.63 7.75
N LYS E 56 2.11 -14.95 7.66
CA LYS E 56 3.16 -15.54 6.86
C LYS E 56 2.98 -15.14 5.42
N ARG E 57 1.75 -15.21 4.92
CA ARG E 57 1.49 -14.79 3.54
C ARG E 57 1.77 -13.31 3.32
N ALA E 58 1.54 -12.48 4.35
CA ALA E 58 1.71 -11.04 4.20
C ALA E 58 3.18 -10.65 4.08
N VAL E 59 4.04 -11.35 4.81
CA VAL E 59 5.46 -11.01 4.79
C VAL E 59 6.11 -11.48 3.48
N GLU E 60 5.67 -12.62 2.96
CA GLU E 60 6.23 -13.12 1.72
C GLU E 60 5.52 -12.56 0.52
N GLY E 61 4.28 -12.99 0.37
CA GLY E 61 3.55 -12.84 -0.88
C GLY E 61 3.32 -11.44 -1.38
N GLN E 62 2.71 -11.39 -2.57
CA GLN E 62 2.55 -10.18 -3.35
C GLN E 62 1.23 -9.53 -2.99
N HIS E 63 1.29 -8.35 -2.42
CA HIS E 63 0.09 -7.63 -2.01
C HIS E 63 0.22 -6.15 -2.20
N ASN E 64 -0.92 -5.51 -2.28
CA ASN E 64 -0.97 -4.14 -1.89
C ASN E 64 -2.11 -4.05 -0.89
N TYR E 65 -1.75 -3.93 0.38
CA TYR E 65 -2.76 -3.63 1.38
C TYR E 65 -2.69 -2.14 1.64
N LEU E 66 -3.84 -1.47 1.66
CA LEU E 66 -3.88 -0.07 2.08
C LEU E 66 -5.15 0.21 2.85
N CYS E 67 -5.06 0.83 4.01
CA CYS E 67 -6.23 1.11 4.85
C CYS E 67 -7.08 2.20 4.18
N ALA E 68 -8.39 1.99 4.10
CA ALA E 68 -9.32 2.99 3.54
C ALA E 68 -10.00 3.84 4.63
N GLY E 69 -9.70 3.49 5.87
CA GLY E 69 -10.18 4.18 7.05
C GLY E 69 -9.13 5.13 7.58
N ARG E 70 -8.99 5.16 8.90
CA ARG E 70 -8.03 6.00 9.62
C ARG E 70 -6.82 5.23 10.20
N ASN E 71 -6.52 4.04 9.65
CA ASN E 71 -5.51 3.12 10.21
C ASN E 71 -5.90 2.63 11.61
N ASP E 72 -7.17 2.79 11.96
CA ASP E 72 -7.78 2.38 13.23
C ASP E 72 -8.87 1.29 13.15
N CYS E 73 -8.96 0.56 12.04
CA CYS E 73 -10.10 -0.31 11.80
C CYS E 73 -10.32 -1.39 12.90
N ILE E 74 -11.56 -1.83 13.07
CA ILE E 74 -11.82 -2.94 13.99
C ILE E 74 -11.46 -4.24 13.26
N ILE E 75 -10.59 -5.03 13.89
CA ILE E 75 -10.18 -6.28 13.30
C ILE E 75 -10.70 -7.39 14.16
N ASP E 76 -11.73 -8.07 13.67
CA ASP E 76 -12.26 -9.20 14.40
C ASP E 76 -12.65 -10.29 13.40
N LYS E 77 -13.26 -11.36 13.91
CA LYS E 77 -13.62 -12.50 13.07
C LYS E 77 -14.45 -12.08 11.87
N ILE E 78 -15.37 -11.14 12.06
CA ILE E 78 -16.21 -10.75 10.94
C ILE E 78 -15.74 -9.52 10.15
N ARG E 79 -14.78 -8.76 10.66
CA ARG E 79 -14.20 -7.63 9.91
C ARG E 79 -12.75 -7.76 9.43
N ARG E 80 -12.07 -8.82 9.83
CA ARG E 80 -10.62 -8.89 9.58
C ARG E 80 -10.31 -8.93 8.06
N LYS E 81 -11.26 -9.39 7.24
CA LYS E 81 -11.14 -9.36 5.79
C LYS E 81 -11.19 -7.93 5.21
N ASN E 82 -11.97 -7.06 5.82
CA ASN E 82 -12.09 -5.68 5.36
C ASN E 82 -10.75 -4.95 5.27
N CYS E 83 -9.92 -5.02 6.30
CA CYS E 83 -8.71 -4.24 6.26
C CYS E 83 -7.46 -5.04 6.58
N PRO E 84 -6.97 -5.77 5.57
CA PRO E 84 -5.71 -6.47 5.73
C PRO E 84 -4.58 -5.54 6.16
N ALA E 85 -4.56 -4.27 5.75
CA ALA E 85 -3.49 -3.39 6.23
C ALA E 85 -3.53 -3.20 7.76
N CYS E 86 -4.71 -2.99 8.34
CA CYS E 86 -4.81 -2.84 9.79
C CYS E 86 -4.53 -4.19 10.47
N ARG E 87 -4.94 -5.27 9.81
CA ARG E 87 -4.65 -6.60 10.35
C ARG E 87 -3.15 -6.85 10.48
N LEU E 88 -2.38 -6.46 9.47
CA LEU E 88 -0.95 -6.69 9.47
C LEU E 88 -0.28 -5.79 10.50
N ARG E 89 -0.72 -4.53 10.55
CA ARG E 89 -0.18 -3.61 11.53
C ARG E 89 -0.35 -4.25 12.90
N LYS E 90 -1.54 -4.77 13.16
CA LYS E 90 -1.77 -5.36 14.47
C LYS E 90 -0.88 -6.58 14.74
N CYS E 91 -0.73 -7.48 13.75
CA CYS E 91 0.19 -8.62 13.88
C CYS E 91 1.57 -8.16 14.30
N LEU E 92 2.09 -7.14 13.63
CA LEU E 92 3.41 -6.64 13.92
C LEU E 92 3.50 -5.96 15.29
N GLN E 93 2.53 -5.11 15.60
CA GLN E 93 2.54 -4.39 16.88
C GLN E 93 2.39 -5.36 18.03
N ALA E 94 1.76 -6.51 17.78
CA ALA E 94 1.67 -7.54 18.79
C ALA E 94 2.94 -8.37 18.90
N GLY E 95 3.91 -8.18 18.00
CA GLY E 95 5.18 -8.90 18.07
C GLY E 95 5.35 -10.14 17.20
N MET E 96 4.47 -10.37 16.23
CA MET E 96 4.69 -11.51 15.34
C MET E 96 5.97 -11.33 14.52
N ASN E 97 6.73 -12.40 14.38
CA ASN E 97 7.99 -12.32 13.67
C ASN E 97 8.40 -13.69 13.15
N LEU E 98 9.34 -13.69 12.22
CA LEU E 98 9.84 -14.91 11.60
C LEU E 98 11.12 -15.40 12.27
N GLY E 99 11.49 -14.77 13.37
CA GLY E 99 12.75 -15.04 14.05
C GLY E 99 12.99 -16.47 14.47
N ALA E 100 11.94 -17.30 14.43
CA ALA E 100 12.09 -18.75 14.66
C ALA E 100 12.78 -19.09 15.98
N ARG E 101 12.21 -18.57 17.08
CA ARG E 101 12.78 -18.65 18.44
C ARG E 101 14.30 -18.59 18.43
N PRO F 27 -7.74 12.41 -22.38
CA PRO F 27 -9.15 12.74 -22.08
C PRO F 27 -9.94 11.51 -21.62
N SER F 28 -9.29 10.60 -20.91
CA SER F 28 -9.92 9.35 -20.45
C SER F 28 -11.06 9.59 -19.44
N LYS F 29 -12.12 8.79 -19.51
CA LYS F 29 -13.27 8.95 -18.60
C LYS F 29 -13.03 8.26 -17.26
N VAL F 30 -13.59 8.86 -16.21
CA VAL F 30 -13.29 8.43 -14.85
C VAL F 30 -14.52 7.88 -14.14
N CYS F 31 -14.40 6.68 -13.58
CA CYS F 31 -15.48 6.09 -12.76
C CYS F 31 -15.80 6.98 -11.57
N LEU F 32 -17.07 7.31 -11.42
CA LEU F 32 -17.49 8.19 -10.35
C LEU F 32 -17.54 7.47 -9.02
N VAL F 33 -17.49 6.14 -9.01
CA VAL F 33 -17.46 5.41 -7.75
C VAL F 33 -16.01 5.24 -7.27
N CYS F 34 -15.18 4.52 -8.02
CA CYS F 34 -13.80 4.32 -7.58
C CYS F 34 -12.71 5.16 -8.25
N GLY F 35 -13.04 5.94 -9.28
CA GLY F 35 -12.02 6.68 -10.02
C GLY F 35 -11.13 5.87 -10.96
N ASP F 36 -11.47 4.61 -11.19
CA ASP F 36 -10.77 3.80 -12.20
C ASP F 36 -11.16 4.29 -13.59
N GLU F 37 -10.58 3.71 -14.63
CA GLU F 37 -10.96 4.07 -15.99
C GLU F 37 -12.38 3.54 -16.23
N ALA F 38 -13.28 4.45 -16.63
CA ALA F 38 -14.68 4.13 -16.85
C ALA F 38 -14.96 3.72 -18.29
N SER F 39 -15.68 2.62 -18.46
CA SER F 39 -15.94 2.08 -19.78
C SER F 39 -17.08 2.82 -20.46
N GLY F 40 -18.05 3.24 -19.66
CA GLY F 40 -19.24 3.90 -20.17
C GLY F 40 -20.18 4.10 -19.01
N CYS F 41 -21.45 4.23 -19.32
CA CYS F 41 -22.46 4.53 -18.32
C CYS F 41 -23.17 3.23 -17.94
N HIS F 42 -23.30 2.95 -16.64
CA HIS F 42 -23.92 1.69 -16.21
C HIS F 42 -24.91 1.96 -15.10
N TYR F 43 -26.11 1.39 -15.23
CA TYR F 43 -27.17 1.58 -14.23
C TYR F 43 -27.33 3.05 -13.86
N GLY F 44 -27.11 3.92 -14.86
CA GLY F 44 -27.35 5.35 -14.73
C GLY F 44 -26.10 6.18 -14.53
N VAL F 45 -24.98 5.57 -14.17
CA VAL F 45 -23.81 6.33 -13.76
C VAL F 45 -22.53 5.93 -14.51
N LEU F 46 -21.69 6.92 -14.81
CA LEU F 46 -20.42 6.65 -15.43
C LEU F 46 -19.57 5.89 -14.42
N THR F 47 -19.20 4.68 -14.77
CA THR F 47 -18.57 3.75 -13.86
C THR F 47 -17.69 2.81 -14.62
N CYS F 48 -16.72 2.24 -13.93
CA CYS F 48 -15.89 1.19 -14.49
C CYS F 48 -16.68 -0.11 -14.54
N GLY F 49 -16.08 -1.14 -15.14
CA GLY F 49 -16.71 -2.44 -15.26
C GLY F 49 -16.84 -3.16 -13.92
N SER F 50 -15.78 -3.11 -13.11
CA SER F 50 -15.80 -3.77 -11.81
C SER F 50 -16.93 -3.21 -10.95
N CYS F 51 -17.14 -1.91 -11.00
CA CYS F 51 -18.18 -1.28 -10.19
C CYS F 51 -19.56 -1.60 -10.73
N LYS F 52 -19.66 -1.69 -12.05
CA LYS F 52 -20.90 -2.15 -12.69
C LYS F 52 -21.36 -3.49 -12.12
N VAL F 53 -20.48 -4.48 -12.18
CA VAL F 53 -20.89 -5.82 -11.83
C VAL F 53 -20.96 -5.98 -10.31
N PHE F 54 -20.14 -5.23 -9.56
CA PHE F 54 -20.26 -5.24 -8.10
C PHE F 54 -21.64 -4.77 -7.66
N PHE F 55 -22.12 -3.68 -8.27
CA PHE F 55 -23.39 -3.10 -7.90
C PHE F 55 -24.55 -4.08 -8.11
N LYS F 56 -24.56 -4.74 -9.26
CA LYS F 56 -25.59 -5.73 -9.55
C LYS F 56 -25.54 -6.85 -8.51
N ARG F 57 -24.35 -7.36 -8.25
CA ARG F 57 -24.21 -8.44 -7.28
C ARG F 57 -24.57 -7.98 -5.86
N ALA F 58 -24.19 -6.76 -5.53
CA ALA F 58 -24.41 -6.25 -4.18
C ALA F 58 -25.90 -6.03 -3.90
N VAL F 59 -26.61 -5.42 -4.84
CA VAL F 59 -28.04 -5.14 -4.67
C VAL F 59 -28.86 -6.44 -4.63
N GLU F 60 -28.55 -7.36 -5.51
CA GLU F 60 -29.33 -8.58 -5.61
C GLU F 60 -29.01 -9.60 -4.53
N GLY F 61 -27.72 -9.82 -4.25
CA GLY F 61 -27.33 -10.77 -3.21
C GLY F 61 -27.94 -10.46 -1.86
N GLN F 62 -28.16 -9.17 -1.60
CA GLN F 62 -28.68 -8.67 -0.32
C GLN F 62 -27.94 -9.22 0.90
N HIS F 63 -26.70 -8.76 1.06
CA HIS F 63 -25.88 -9.07 2.22
C HIS F 63 -25.91 -7.87 3.13
N ASN F 64 -25.83 -8.10 4.44
CA ASN F 64 -25.66 -6.95 5.31
C ASN F 64 -24.15 -6.77 5.46
N TYR F 65 -23.64 -5.77 4.75
CA TYR F 65 -22.21 -5.55 4.76
C TYR F 65 -21.88 -4.78 6.02
N LEU F 66 -20.70 -5.02 6.56
CA LEU F 66 -20.29 -4.32 7.75
C LEU F 66 -18.98 -3.58 7.50
N CYS F 67 -19.02 -2.26 7.68
CA CYS F 67 -17.83 -1.41 7.61
C CYS F 67 -17.02 -1.62 8.89
N ALA F 68 -15.71 -1.70 8.76
CA ALA F 68 -14.82 -1.89 9.91
C ALA F 68 -14.41 -0.55 10.50
N GLY F 69 -14.89 0.50 9.84
CA GLY F 69 -14.64 1.90 10.14
C GLY F 69 -15.84 2.60 10.72
N ARG F 70 -16.03 3.83 10.27
CA ARG F 70 -17.21 4.66 10.57
C ARG F 70 -18.20 4.89 9.40
N ASN F 71 -18.23 3.98 8.42
CA ASN F 71 -19.09 4.09 7.22
C ASN F 71 -18.72 5.26 6.27
N ASP F 72 -17.51 5.79 6.41
CA ASP F 72 -16.94 6.77 5.46
C ASP F 72 -15.67 6.33 4.68
N CYS F 73 -15.40 5.04 4.53
CA CYS F 73 -14.17 4.60 3.88
C CYS F 73 -13.91 5.23 2.49
N ILE F 74 -12.63 5.41 2.17
CA ILE F 74 -12.20 5.91 0.88
C ILE F 74 -12.33 4.79 -0.14
N ILE F 75 -13.04 5.06 -1.22
CA ILE F 75 -13.18 4.09 -2.28
C ILE F 75 -12.37 4.54 -3.50
N ASP F 76 -11.24 3.89 -3.76
CA ASP F 76 -10.44 4.13 -4.97
C ASP F 76 -10.00 2.77 -5.50
N LYS F 77 -9.24 2.76 -6.59
CA LYS F 77 -8.92 1.51 -7.25
C LYS F 77 -8.15 0.54 -6.35
N ILE F 78 -7.18 1.05 -5.62
CA ILE F 78 -6.44 0.22 -4.69
C ILE F 78 -7.35 -0.35 -3.61
N ARG F 79 -8.25 0.48 -3.10
CA ARG F 79 -9.01 0.14 -1.91
C ARG F 79 -10.48 -0.31 -2.09
N ARG F 80 -10.97 -0.41 -3.31
CA ARG F 80 -12.40 -0.64 -3.47
C ARG F 80 -12.85 -2.03 -3.00
N LYS F 81 -11.94 -3.01 -2.91
CA LYS F 81 -12.28 -4.33 -2.36
C LYS F 81 -12.41 -4.33 -0.83
N ASN F 82 -11.76 -3.37 -0.16
CA ASN F 82 -11.75 -3.33 1.31
C ASN F 82 -13.13 -3.35 1.94
N CYS F 83 -13.97 -2.42 1.49
CA CYS F 83 -15.22 -2.17 2.19
C CYS F 83 -16.39 -2.12 1.23
N PRO F 84 -16.99 -3.29 0.97
CA PRO F 84 -18.16 -3.32 0.10
C PRO F 84 -19.31 -2.49 0.65
N ALA F 85 -19.39 -2.34 1.98
CA ALA F 85 -20.44 -1.52 2.57
C ALA F 85 -20.36 -0.08 2.08
N CYS F 86 -19.18 0.53 2.15
CA CYS F 86 -19.02 1.90 1.72
C CYS F 86 -19.04 2.00 0.19
N ARG F 87 -18.63 0.93 -0.50
CA ARG F 87 -18.62 0.94 -1.96
C ARG F 87 -20.07 1.01 -2.48
N LEU F 88 -20.91 0.13 -1.94
CA LEU F 88 -22.33 0.11 -2.26
C LEU F 88 -23.00 1.41 -1.88
N ARG F 89 -22.69 1.90 -0.69
CA ARG F 89 -23.21 3.19 -0.26
C ARG F 89 -22.83 4.31 -1.25
N LYS F 90 -21.59 4.27 -1.76
CA LYS F 90 -21.14 5.28 -2.71
C LYS F 90 -21.83 5.09 -4.07
N CYS F 91 -21.97 3.85 -4.50
CA CYS F 91 -22.75 3.52 -5.69
C CYS F 91 -24.14 4.14 -5.67
N LEU F 92 -24.87 3.93 -4.58
CA LEU F 92 -26.26 4.39 -4.49
C LEU F 92 -26.33 5.91 -4.47
N GLN F 93 -25.48 6.53 -3.67
CA GLN F 93 -25.40 7.96 -3.55
C GLN F 93 -25.08 8.64 -4.85
N ALA F 94 -24.46 7.94 -5.75
CA ALA F 94 -24.10 8.52 -7.04
C ALA F 94 -25.27 8.37 -8.02
N GLY F 95 -26.29 7.63 -7.63
CA GLY F 95 -27.47 7.46 -8.46
C GLY F 95 -27.66 6.12 -9.17
N MET F 96 -26.77 5.17 -8.95
CA MET F 96 -26.94 3.88 -9.61
C MET F 96 -28.23 3.21 -9.15
N ASN F 97 -28.99 2.66 -10.08
CA ASN F 97 -30.10 1.79 -9.73
C ASN F 97 -30.42 0.85 -10.88
N LEU F 98 -31.03 -0.29 -10.56
CA LEU F 98 -31.38 -1.25 -11.59
C LEU F 98 -32.57 -0.73 -12.38
N GLY F 99 -32.97 -1.46 -13.42
CA GLY F 99 -34.07 -1.05 -14.27
C GLY F 99 -33.87 0.30 -14.94
ZN ZN I . 20.90 -2.02 6.43
ZN ZN J . 8.76 -3.00 -3.46
ZN ZN K . 1.69 14.56 -10.84
ZN ZN L . 11.00 2.27 -10.74
ZN ZN M . -6.88 -13.97 14.76
ZN ZN N . -7.72 -0.09 8.25
ZN ZN O . -15.23 1.98 -10.33
ZN ZN P . -16.28 1.33 5.17
#